data_6VJX
#
_entry.id   6VJX
#
_cell.length_a   41.417
_cell.length_b   51.428
_cell.length_c   79.415
_cell.angle_alpha   90.000
_cell.angle_beta   91.870
_cell.angle_gamma   90.000
#
_symmetry.space_group_name_H-M   'P 1 21 1'
#
loop_
_entity.id
_entity.type
_entity.pdbx_description
1 polymer 'Cytochrome P450'
2 non-polymer 'PROTOPORPHYRIN IX CONTAINING FE'
3 non-polymer '4-(2-methylpropyl)benzoic acid'
4 non-polymer 'CHLORIDE ION'
5 water water
#
_entity_poly.entity_id   1
_entity_poly.type   'polypeptide(L)'
_entity_poly.pdbx_seq_one_letter_code
;TIPHLAIDPFSLDFFDDPYPDQQTLRDAGPVVYLDKWNVYGVARYAEVHAVLNDPTTFCSSRGVGLSDFKKEKPWRPPSL
ILEADPPAHTRPRAVLSKVLSPATMKTIRDGFAAAADAKVDELLQRGCIDAIADLAEAYPLSVFPDAMGLKQEGREHLLP
YAGLVFNAFGPPNELRQTAIERSAPHQAYVNEQCQRPNLAPGGFGACIHAFTDTGEITPDEAPLLVRSLLSAGLDTTVNG
IGAAVYCLARFPGELQRLRSDPTLARNAFEEAVRFESPVQTFFRTTTREVELGGAVIGEGEKVLMFLGSANRDPRRWSDP
DLYDITRKTSGHVGFGSGVHMCVGQLVARLEGEVMLSALARKVAAIDIDGPVKRRFNNTLRGLESLPVKLTPA
;
_entity_poly.pdbx_strand_id   A
#
# COMPACT_ATOMS: atom_id res chain seq x y z
N THR A 1 8.99 29.72 14.03
CA THR A 1 7.61 29.89 13.55
C THR A 1 6.91 28.54 13.39
N ILE A 2 7.62 27.53 12.89
CA ILE A 2 7.03 26.22 12.63
C ILE A 2 6.90 25.46 13.95
N PRO A 3 5.78 24.81 14.22
CA PRO A 3 5.65 24.12 15.52
C PRO A 3 6.48 22.84 15.58
N HIS A 4 7.08 22.61 16.75
CA HIS A 4 7.88 21.40 17.00
C HIS A 4 7.08 20.43 17.86
N LEU A 5 6.92 19.19 17.38
CA LEU A 5 6.16 18.19 18.11
C LEU A 5 7.05 17.02 18.45
N ALA A 6 6.77 16.39 19.60
CA ALA A 6 7.50 15.23 20.06
C ALA A 6 6.83 13.91 19.68
N ILE A 7 5.68 13.98 18.99
CA ILE A 7 4.97 12.78 18.53
C ILE A 7 5.91 11.90 17.73
N ASP A 8 5.91 10.59 18.03
CA ASP A 8 6.67 9.63 17.23
C ASP A 8 5.66 8.88 16.38
N PRO A 9 5.54 9.20 15.10
CA PRO A 9 4.54 8.52 14.26
C PRO A 9 4.92 7.11 13.88
N PHE A 10 6.05 6.61 14.38
CA PHE A 10 6.44 5.23 14.15
C PHE A 10 6.50 4.46 15.45
N SER A 11 5.85 4.97 16.51
CA SER A 11 5.83 4.30 17.80
C SER A 11 4.67 3.32 17.85
N LEU A 12 4.85 2.27 18.64
CA LEU A 12 3.75 1.30 18.78
C LEU A 12 2.50 1.97 19.36
N ASP A 13 2.66 2.93 20.29
CA ASP A 13 1.45 3.58 20.81
C ASP A 13 0.74 4.40 19.74
N PHE A 14 1.50 4.99 18.81
CA PHE A 14 0.88 5.72 17.72
C PHE A 14 0.12 4.77 16.80
N PHE A 15 0.77 3.67 16.36
CA PHE A 15 0.08 2.68 15.53
C PHE A 15 -1.18 2.17 16.20
N ASP A 16 -1.14 1.95 17.51
CA ASP A 16 -2.28 1.38 18.22
C ASP A 16 -3.53 2.24 18.06
N ASP A 17 -3.37 3.55 18.03
CA ASP A 17 -4.49 4.45 17.84
C ASP A 17 -3.98 5.78 17.31
N PRO A 18 -3.87 5.93 15.99
CA PRO A 18 -3.19 7.11 15.42
C PRO A 18 -4.07 8.33 15.28
N TYR A 19 -5.36 8.20 15.47
CA TYR A 19 -6.24 9.28 15.03
C TYR A 19 -6.13 10.54 15.88
N PRO A 20 -6.10 10.47 17.22
CA PRO A 20 -5.90 11.72 17.98
C PRO A 20 -4.59 12.41 17.60
N ASP A 21 -3.50 11.66 17.48
CA ASP A 21 -2.23 12.29 17.12
C ASP A 21 -2.25 12.84 15.70
N GLN A 22 -2.98 12.19 14.77
CA GLN A 22 -3.09 12.76 13.41
C GLN A 22 -3.86 14.07 13.43
N GLN A 23 -4.87 14.20 14.30
CA GLN A 23 -5.54 15.49 14.40
C GLN A 23 -4.60 16.52 14.98
N THR A 24 -3.80 16.15 16.00
CA THR A 24 -2.85 17.09 16.57
C THR A 24 -1.87 17.55 15.50
N LEU A 25 -1.43 16.62 14.65
CA LEU A 25 -0.48 16.98 13.60
C LEU A 25 -1.11 17.92 12.57
N ARG A 26 -2.37 17.70 12.22
CA ARG A 26 -3.05 18.62 11.29
C ARG A 26 -3.25 19.99 11.93
N ASP A 27 -3.73 19.99 13.17
CA ASP A 27 -4.18 21.24 13.73
C ASP A 27 -3.04 22.09 14.26
N ALA A 28 -1.84 21.51 14.42
CA ALA A 28 -0.72 22.32 14.87
C ALA A 28 -0.31 23.34 13.82
N GLY A 29 -0.56 23.03 12.55
CA GLY A 29 -0.23 23.91 11.46
C GLY A 29 -0.09 23.15 10.17
N PRO A 30 -0.02 23.86 9.06
CA PRO A 30 0.15 23.17 7.76
C PRO A 30 1.47 22.43 7.63
N VAL A 31 2.51 22.83 8.36
CA VAL A 31 3.79 22.13 8.34
C VAL A 31 4.29 22.07 9.78
N VAL A 32 4.75 20.89 10.20
CA VAL A 32 5.29 20.70 11.53
C VAL A 32 6.72 20.19 11.43
N TYR A 33 7.42 20.27 12.55
CA TYR A 33 8.76 19.69 12.64
C TYR A 33 8.70 18.61 13.71
N LEU A 34 9.08 17.39 13.35
CA LEU A 34 9.04 16.25 14.26
C LEU A 34 10.44 16.06 14.87
N ASP A 35 10.61 16.56 16.12
CA ASP A 35 11.91 16.55 16.78
C ASP A 35 12.43 15.15 17.02
N LYS A 36 11.55 14.15 17.07
CA LYS A 36 12.02 12.80 17.36
C LYS A 36 12.95 12.28 16.26
N TRP A 37 12.71 12.70 15.01
CA TRP A 37 13.43 12.15 13.86
C TRP A 37 14.03 13.23 12.99
N ASN A 38 13.90 14.50 13.36
CA ASN A 38 14.47 15.63 12.61
C ASN A 38 13.97 15.64 11.16
N VAL A 39 12.65 15.58 10.99
CA VAL A 39 12.02 15.67 9.69
C VAL A 39 10.85 16.65 9.78
N TYR A 40 10.51 17.24 8.65
CA TYR A 40 9.27 17.99 8.50
C TYR A 40 8.11 17.02 8.32
N GLY A 41 6.92 17.43 8.72
CA GLY A 41 5.71 16.64 8.49
C GLY A 41 4.58 17.49 7.96
N VAL A 42 3.79 16.90 7.06
CA VAL A 42 2.60 17.56 6.51
C VAL A 42 1.47 16.56 6.61
N ALA A 43 0.38 16.95 7.27
CA ALA A 43 -0.70 16.04 7.62
C ALA A 43 -2.06 16.48 7.09
N ARG A 44 -2.21 17.71 6.59
CA ARG A 44 -3.47 18.15 5.99
C ARG A 44 -3.55 17.74 4.53
N TYR A 45 -4.79 17.59 4.04
CA TYR A 45 -5.00 17.12 2.67
C TYR A 45 -4.31 18.02 1.65
N ALA A 46 -4.57 19.34 1.72
CA ALA A 46 -4.07 20.25 0.68
C ALA A 46 -2.55 20.15 0.52
N GLU A 47 -1.81 20.19 1.65
CA GLU A 47 -0.35 20.19 1.57
C GLU A 47 0.18 18.82 1.13
N VAL A 48 -0.41 17.73 1.62
CA VAL A 48 0.02 16.40 1.17
C VAL A 48 -0.15 16.27 -0.33
N HIS A 49 -1.33 16.68 -0.83
CA HIS A 49 -1.57 16.63 -2.27
C HIS A 49 -0.61 17.54 -3.02
N ALA A 50 -0.37 18.74 -2.52
CA ALA A 50 0.58 19.63 -3.20
C ALA A 50 1.97 19.03 -3.28
N VAL A 51 2.44 18.46 -2.15
CA VAL A 51 3.81 17.93 -2.14
C VAL A 51 3.93 16.77 -3.13
N LEU A 52 2.95 15.86 -3.11
CA LEU A 52 2.99 14.73 -4.05
C LEU A 52 3.04 15.20 -5.50
N ASN A 53 2.41 16.33 -5.81
CA ASN A 53 2.35 16.81 -7.18
C ASN A 53 3.43 17.83 -7.50
N ASP A 54 4.49 17.90 -6.69
CA ASP A 54 5.59 18.85 -6.90
C ASP A 54 6.89 18.04 -6.89
N PRO A 55 7.09 17.15 -7.89
CA PRO A 55 8.25 16.24 -7.82
C PRO A 55 9.58 16.91 -8.10
N THR A 56 9.63 18.08 -8.77
CA THR A 56 10.95 18.69 -8.99
C THR A 56 11.53 19.31 -7.73
N THR A 57 10.70 19.63 -6.74
CA THR A 57 11.20 20.12 -5.47
C THR A 57 11.17 19.04 -4.38
N PHE A 58 10.13 18.19 -4.37
CA PHE A 58 10.01 17.15 -3.35
C PHE A 58 10.29 15.83 -4.06
N CYS A 59 11.57 15.46 -4.11
CA CYS A 59 12.00 14.38 -5.00
C CYS A 59 11.89 13.02 -4.31
N SER A 60 11.98 11.97 -5.13
CA SER A 60 12.00 10.60 -4.65
C SER A 60 13.37 9.90 -4.82
N SER A 61 14.28 10.49 -5.58
CA SER A 61 15.54 9.78 -5.89
C SER A 61 16.51 9.74 -4.71
N ARG A 62 16.24 10.49 -3.64
CA ARG A 62 17.02 10.37 -2.41
C ARG A 62 16.31 9.49 -1.39
N GLY A 63 15.32 8.72 -1.84
CA GLY A 63 14.66 7.72 -1.03
C GLY A 63 13.31 8.21 -0.58
N VAL A 64 12.33 7.31 -0.50
CA VAL A 64 11.04 7.65 0.08
C VAL A 64 10.91 7.10 1.51
N GLY A 65 12.00 6.59 2.08
CA GLY A 65 12.08 6.34 3.51
C GLY A 65 12.78 7.49 4.24
N LEU A 66 13.00 7.28 5.54
CA LEU A 66 13.69 8.32 6.31
C LEU A 66 15.12 8.51 5.81
N SER A 67 15.77 7.43 5.43
CA SER A 67 17.16 7.52 4.99
C SER A 67 17.29 8.32 3.70
N ASP A 68 18.30 9.19 3.66
CA ASP A 68 18.62 10.04 2.52
C ASP A 68 19.73 9.34 1.76
N PHE A 69 19.46 8.92 0.52
CA PHE A 69 20.46 8.16 -0.22
C PHE A 69 21.72 8.95 -0.51
N LYS A 70 21.67 10.29 -0.41
CA LYS A 70 22.86 11.11 -0.55
C LYS A 70 23.76 11.01 0.69
N LYS A 71 23.21 10.56 1.81
CA LYS A 71 23.93 10.50 3.08
C LYS A 71 24.28 9.09 3.53
N GLU A 72 23.38 8.11 3.28
CA GLU A 72 23.57 6.73 3.71
C GLU A 72 23.41 5.77 2.54
N LYS A 73 24.01 4.59 2.69
CA LYS A 73 23.87 3.54 1.68
C LYS A 73 22.45 2.94 1.70
N PRO A 74 21.80 2.79 0.56
CA PRO A 74 20.47 2.13 0.57
C PRO A 74 20.61 0.68 0.98
N TRP A 75 19.63 0.18 1.74
CA TRP A 75 19.73 -1.18 2.26
C TRP A 75 19.69 -2.23 1.15
N ARG A 76 19.13 -1.88 -0.01
CA ARG A 76 19.12 -2.70 -1.21
C ARG A 76 19.28 -1.72 -2.36
N PRO A 77 19.68 -2.18 -3.54
CA PRO A 77 19.78 -1.25 -4.70
C PRO A 77 18.49 -0.48 -4.89
N PRO A 78 18.56 0.82 -5.15
CA PRO A 78 17.34 1.64 -5.25
C PRO A 78 16.37 1.13 -6.32
N SER A 79 15.09 1.29 -6.03
CA SER A 79 14.07 0.96 -7.01
C SER A 79 14.20 1.89 -8.21
N LEU A 80 14.14 1.32 -9.42
CA LEU A 80 14.22 2.10 -10.65
C LEU A 80 12.97 2.91 -10.94
N ILE A 81 11.88 2.70 -10.21
CA ILE A 81 10.65 3.44 -10.41
C ILE A 81 10.26 4.25 -9.17
N LEU A 82 10.18 3.58 -8.01
CA LEU A 82 9.77 4.28 -6.78
C LEU A 82 10.77 5.34 -6.39
N GLU A 83 12.06 5.05 -6.54
CA GLU A 83 13.13 5.88 -6.02
C GLU A 83 13.87 6.57 -7.16
N ALA A 84 13.12 6.95 -8.18
CA ALA A 84 13.64 7.67 -9.34
C ALA A 84 12.74 8.86 -9.62
N ASP A 85 13.33 9.92 -10.16
CA ASP A 85 12.56 11.09 -10.58
C ASP A 85 12.49 11.16 -12.10
N PRO A 86 11.55 11.90 -12.67
CA PRO A 86 11.60 12.14 -14.12
C PRO A 86 12.89 12.87 -14.45
N PRO A 87 13.52 12.56 -15.58
CA PRO A 87 13.10 11.64 -16.65
C PRO A 87 13.50 10.16 -16.42
N ALA A 88 14.39 9.83 -15.47
CA ALA A 88 14.78 8.43 -15.30
C ALA A 88 13.57 7.56 -14.97
N HIS A 89 12.60 8.11 -14.26
CA HIS A 89 11.41 7.37 -13.85
C HIS A 89 10.54 6.95 -15.05
N THR A 90 10.61 7.70 -16.16
CA THR A 90 9.51 7.68 -17.13
C THR A 90 9.38 6.35 -17.87
N ARG A 91 10.48 5.83 -18.40
CA ARG A 91 10.32 4.60 -19.17
C ARG A 91 10.06 3.36 -18.30
N PRO A 92 10.76 3.18 -17.16
CA PRO A 92 10.35 2.10 -16.25
C PRO A 92 8.90 2.18 -15.83
N ARG A 93 8.41 3.39 -15.54
CA ARG A 93 6.99 3.57 -15.27
C ARG A 93 6.11 3.12 -16.44
N ALA A 94 6.50 3.45 -17.68
CA ALA A 94 5.68 3.10 -18.82
C ALA A 94 5.61 1.59 -19.00
N VAL A 95 6.73 0.91 -18.77
CA VAL A 95 6.76 -0.54 -18.85
C VAL A 95 5.82 -1.16 -17.82
N LEU A 96 5.88 -0.71 -16.57
CA LEU A 96 4.98 -1.32 -15.59
C LEU A 96 3.52 -0.93 -15.87
N SER A 97 3.30 0.29 -16.33
CA SER A 97 1.94 0.70 -16.68
C SER A 97 1.36 -0.18 -17.78
N LYS A 98 2.17 -0.61 -18.74
CA LYS A 98 1.69 -1.50 -19.79
C LYS A 98 1.56 -2.94 -19.31
N VAL A 99 2.48 -3.39 -18.46
CA VAL A 99 2.40 -4.75 -17.95
C VAL A 99 1.15 -4.91 -17.08
N LEU A 100 0.77 -3.85 -16.38
CA LEU A 100 -0.39 -3.89 -15.48
C LEU A 100 -1.54 -3.05 -16.04
N SER A 101 -1.73 -3.13 -17.36
CA SER A 101 -2.60 -2.20 -18.09
C SER A 101 -4.06 -2.62 -18.01
N PRO A 102 -4.98 -1.73 -18.40
CA PRO A 102 -6.37 -2.15 -18.60
C PRO A 102 -6.49 -3.44 -19.40
N ALA A 103 -5.81 -3.51 -20.55
CA ALA A 103 -5.92 -4.71 -21.37
C ALA A 103 -5.47 -5.95 -20.62
N THR A 104 -4.40 -5.83 -19.83
CA THR A 104 -3.93 -6.97 -19.05
C THR A 104 -4.98 -7.43 -18.05
N MET A 105 -5.75 -6.49 -17.50
CA MET A 105 -6.74 -6.91 -16.52
C MET A 105 -7.74 -7.86 -17.13
N LYS A 106 -8.04 -7.72 -18.43
CA LYS A 106 -8.97 -8.65 -19.06
C LYS A 106 -8.46 -10.08 -18.98
N THR A 107 -7.13 -10.29 -19.03
CA THR A 107 -6.62 -11.66 -19.07
C THR A 107 -6.68 -12.36 -17.72
N ILE A 108 -6.77 -11.61 -16.62
CA ILE A 108 -6.71 -12.23 -15.30
C ILE A 108 -8.03 -12.14 -14.56
N ARG A 109 -8.99 -11.36 -15.06
CA ARG A 109 -10.21 -11.10 -14.28
C ARG A 109 -10.98 -12.36 -13.96
N ASP A 110 -11.19 -13.23 -14.95
CA ASP A 110 -12.07 -14.38 -14.68
C ASP A 110 -11.49 -15.26 -13.58
N GLY A 111 -10.19 -15.53 -13.66
CA GLY A 111 -9.54 -16.34 -12.64
C GLY A 111 -9.50 -15.67 -11.28
N PHE A 112 -9.25 -14.36 -11.24
CA PHE A 112 -9.23 -13.65 -9.96
C PHE A 112 -10.62 -13.66 -9.32
N ALA A 113 -11.66 -13.44 -10.12
CA ALA A 113 -13.02 -13.48 -9.58
C ALA A 113 -13.40 -14.90 -9.13
N ALA A 114 -13.04 -15.92 -9.93
CA ALA A 114 -13.38 -17.29 -9.54
C ALA A 114 -12.73 -17.67 -8.23
N ALA A 115 -11.45 -17.31 -8.05
CA ALA A 115 -10.75 -17.61 -6.80
C ALA A 115 -11.38 -16.92 -5.61
N ALA A 116 -11.85 -15.68 -5.78
CA ALA A 116 -12.53 -15.00 -4.68
C ALA A 116 -13.87 -15.67 -4.35
N ASP A 117 -14.67 -15.98 -5.36
CA ASP A 117 -15.95 -16.66 -5.08
C ASP A 117 -15.71 -17.95 -4.32
N ALA A 118 -14.75 -18.75 -4.80
CA ALA A 118 -14.50 -20.04 -4.17
C ALA A 118 -13.99 -19.88 -2.75
N LYS A 119 -13.13 -18.87 -2.51
CA LYS A 119 -12.64 -18.62 -1.15
C LYS A 119 -13.78 -18.27 -0.22
N VAL A 120 -14.69 -17.39 -0.65
CA VAL A 120 -15.78 -17.03 0.25
C VAL A 120 -16.67 -18.23 0.53
N ASP A 121 -16.97 -19.05 -0.50
CA ASP A 121 -17.75 -20.25 -0.25
C ASP A 121 -17.04 -21.19 0.73
N GLU A 122 -15.72 -21.33 0.58
CA GLU A 122 -14.94 -22.18 1.47
C GLU A 122 -15.00 -21.66 2.89
N LEU A 123 -14.83 -20.34 3.06
CA LEU A 123 -14.88 -19.78 4.41
C LEU A 123 -16.26 -19.90 5.02
N LEU A 124 -17.32 -19.85 4.19
CA LEU A 124 -18.66 -20.02 4.73
C LEU A 124 -18.88 -21.42 5.27
N GLN A 125 -18.22 -22.43 4.69
CA GLN A 125 -18.34 -23.78 5.21
C GLN A 125 -17.67 -23.89 6.57
N ARG A 126 -16.64 -23.08 6.81
CA ARG A 126 -15.96 -23.11 8.12
C ARG A 126 -16.71 -22.25 9.13
N GLY A 127 -17.28 -21.13 8.69
CA GLY A 127 -18.10 -20.32 9.56
C GLY A 127 -17.28 -19.36 10.41
N CYS A 128 -16.40 -19.87 11.28
CA CYS A 128 -15.58 -19.02 12.14
C CYS A 128 -14.15 -19.06 11.61
N ILE A 129 -13.67 -17.93 11.10
CA ILE A 129 -12.41 -17.90 10.37
C ILE A 129 -11.64 -16.68 10.85
N ASP A 130 -10.35 -16.65 10.50
CA ASP A 130 -9.52 -15.48 10.75
C ASP A 130 -9.46 -14.70 9.45
N ALA A 131 -10.07 -13.52 9.42
CA ALA A 131 -10.12 -12.77 8.15
C ALA A 131 -8.75 -12.27 7.69
N ILE A 132 -7.71 -12.37 8.51
CA ILE A 132 -6.37 -12.04 8.00
C ILE A 132 -5.80 -13.30 7.38
N ALA A 133 -5.35 -14.27 8.20
CA ALA A 133 -4.72 -15.47 7.63
C ALA A 133 -5.59 -16.17 6.59
N ASP A 134 -6.90 -16.31 6.86
CA ASP A 134 -7.77 -17.14 6.03
C ASP A 134 -8.37 -16.38 4.85
N LEU A 135 -8.20 -15.07 4.78
CA LEU A 135 -8.87 -14.31 3.73
C LEU A 135 -7.96 -13.23 3.15
N ALA A 136 -7.64 -12.21 3.95
CA ALA A 136 -6.83 -11.10 3.45
C ALA A 136 -5.44 -11.54 3.01
N GLU A 137 -4.88 -12.56 3.65
CA GLU A 137 -3.62 -13.14 3.16
C GLU A 137 -3.88 -14.28 2.18
N ALA A 138 -4.79 -15.20 2.52
CA ALA A 138 -4.93 -16.38 1.68
C ALA A 138 -5.35 -16.02 0.25
N TYR A 139 -6.26 -15.06 0.09
CA TYR A 139 -6.75 -14.81 -1.27
C TYR A 139 -5.66 -14.20 -2.16
N PRO A 140 -4.98 -13.11 -1.76
CA PRO A 140 -3.89 -12.63 -2.63
C PRO A 140 -2.81 -13.67 -2.83
N LEU A 141 -2.48 -14.46 -1.82
CA LEU A 141 -1.50 -15.51 -2.04
C LEU A 141 -1.98 -16.53 -3.08
N SER A 142 -3.30 -16.75 -3.19
CA SER A 142 -3.81 -17.72 -4.19
C SER A 142 -3.82 -17.19 -5.62
N VAL A 143 -3.67 -15.88 -5.86
CA VAL A 143 -3.78 -15.33 -7.21
C VAL A 143 -2.51 -14.60 -7.65
N PHE A 144 -1.88 -13.82 -6.76
CA PHE A 144 -0.87 -12.88 -7.25
C PHE A 144 0.46 -13.57 -7.56
N PRO A 145 1.00 -14.45 -6.69
CA PRO A 145 2.22 -15.16 -7.08
C PRO A 145 2.06 -15.90 -8.42
N ASP A 146 0.90 -16.52 -8.68
CA ASP A 146 0.68 -17.15 -9.98
C ASP A 146 0.62 -16.14 -11.11
N ALA A 147 -0.05 -15.00 -10.90
CA ALA A 147 -0.12 -13.99 -11.95
C ALA A 147 1.25 -13.38 -12.24
N MET A 148 2.14 -13.30 -11.24
CA MET A 148 3.55 -12.96 -11.47
C MET A 148 4.28 -14.02 -12.28
N GLY A 149 3.79 -15.26 -12.28
CA GLY A 149 4.51 -16.37 -12.87
C GLY A 149 5.60 -16.94 -11.98
N LEU A 150 5.45 -16.87 -10.66
CA LEU A 150 6.47 -17.39 -9.76
C LEU A 150 6.39 -18.92 -9.67
N LYS A 151 7.54 -19.57 -9.50
CA LYS A 151 7.49 -21.00 -9.20
C LYS A 151 6.88 -21.23 -7.81
N GLN A 152 6.59 -22.50 -7.48
CA GLN A 152 6.00 -22.78 -6.16
C GLN A 152 7.02 -22.64 -5.05
N GLU A 153 8.22 -23.18 -5.25
CA GLU A 153 9.23 -23.23 -4.20
C GLU A 153 9.64 -21.82 -3.75
N GLY A 154 9.62 -21.60 -2.44
CA GLY A 154 10.13 -20.38 -1.84
C GLY A 154 9.10 -19.31 -1.54
N ARG A 155 7.84 -19.53 -1.92
CA ARG A 155 6.84 -18.46 -1.79
C ARG A 155 6.63 -18.03 -0.34
N GLU A 156 7.05 -18.85 0.62
CA GLU A 156 6.96 -18.47 2.03
C GLU A 156 7.80 -17.24 2.35
N HIS A 157 8.74 -16.84 1.48
CA HIS A 157 9.54 -15.63 1.69
C HIS A 157 8.84 -14.33 1.23
N LEU A 158 7.70 -14.41 0.50
CA LEU A 158 7.15 -13.20 -0.12
C LEU A 158 6.65 -12.21 0.90
N LEU A 159 5.83 -12.66 1.84
CA LEU A 159 5.28 -11.71 2.81
C LEU A 159 6.37 -11.25 3.78
N PRO A 160 7.27 -12.12 4.25
CA PRO A 160 8.40 -11.59 5.04
C PRO A 160 9.20 -10.55 4.30
N TYR A 161 9.47 -10.76 3.01
CA TYR A 161 10.23 -9.77 2.25
C TYR A 161 9.47 -8.44 2.19
N ALA A 162 8.16 -8.49 1.94
CA ALA A 162 7.41 -7.25 1.87
C ALA A 162 7.36 -6.55 3.22
N GLY A 163 7.17 -7.30 4.30
CA GLY A 163 7.23 -6.68 5.62
C GLY A 163 8.53 -5.94 5.85
N LEU A 164 9.64 -6.51 5.39
CA LEU A 164 10.94 -5.87 5.49
C LEU A 164 10.99 -4.58 4.67
N VAL A 165 10.54 -4.62 3.41
CA VAL A 165 10.56 -3.44 2.56
C VAL A 165 9.82 -2.29 3.23
N PHE A 166 8.61 -2.56 3.69
CA PHE A 166 7.81 -1.48 4.27
C PHE A 166 8.33 -1.06 5.64
N ASN A 167 8.92 -1.98 6.41
CA ASN A 167 9.55 -1.54 7.65
C ASN A 167 10.76 -0.67 7.37
N ALA A 168 11.47 -0.95 6.27
CA ALA A 168 12.73 -0.27 6.01
C ALA A 168 12.54 1.17 5.56
N PHE A 169 11.33 1.56 5.11
CA PHE A 169 11.07 2.96 4.84
C PHE A 169 11.03 3.78 6.14
N GLY A 170 10.89 3.13 7.29
CA GLY A 170 10.78 3.84 8.53
C GLY A 170 12.13 4.25 9.07
N PRO A 171 12.08 4.85 10.26
CA PRO A 171 13.30 5.27 10.94
C PRO A 171 14.03 4.07 11.49
N PRO A 172 15.28 4.23 11.92
CA PRO A 172 16.01 3.07 12.47
C PRO A 172 15.58 2.73 13.89
N ASN A 173 14.29 2.34 14.04
CA ASN A 173 13.76 1.85 15.30
C ASN A 173 13.86 0.32 15.35
N GLU A 174 13.28 -0.28 16.38
CA GLU A 174 13.42 -1.74 16.55
C GLU A 174 12.73 -2.49 15.42
N LEU A 175 11.55 -2.05 14.99
CA LEU A 175 10.88 -2.67 13.85
C LEU A 175 11.82 -2.72 12.63
N ARG A 176 12.49 -1.61 12.33
CA ARG A 176 13.35 -1.62 11.15
C ARG A 176 14.58 -2.48 11.36
N GLN A 177 15.23 -2.35 12.52
CA GLN A 177 16.47 -3.10 12.72
C GLN A 177 16.24 -4.60 12.75
N THR A 178 15.15 -5.04 13.39
CA THR A 178 14.82 -6.46 13.40
C THR A 178 14.47 -6.94 11.99
N ALA A 179 13.79 -6.11 11.21
CA ALA A 179 13.47 -6.49 9.82
C ALA A 179 14.74 -6.71 8.99
N ILE A 180 15.71 -5.79 9.09
CA ILE A 180 16.87 -5.84 8.17
C ILE A 180 17.87 -6.90 8.59
N GLU A 181 18.04 -7.08 9.90
CA GLU A 181 18.98 -8.07 10.40
C GLU A 181 18.57 -9.48 9.97
N ARG A 182 19.53 -10.24 9.44
CA ARG A 182 19.29 -11.62 8.98
C ARG A 182 18.20 -11.71 7.91
N SER A 183 18.02 -10.64 7.15
CA SER A 183 17.08 -10.63 6.03
C SER A 183 17.64 -11.23 4.74
N ALA A 184 18.92 -11.60 4.73
CA ALA A 184 19.54 -12.10 3.50
C ALA A 184 18.79 -13.25 2.86
N PRO A 185 18.27 -14.24 3.60
CA PRO A 185 17.52 -15.31 2.92
C PRO A 185 16.29 -14.82 2.18
N HIS A 186 15.55 -13.84 2.73
CA HIS A 186 14.42 -13.26 2.02
C HIS A 186 14.88 -12.51 0.77
N GLN A 187 15.92 -11.68 0.91
CA GLN A 187 16.46 -11.00 -0.27
C GLN A 187 16.95 -11.98 -1.33
N ALA A 188 17.65 -13.05 -0.92
CA ALA A 188 18.18 -13.97 -1.94
C ALA A 188 17.06 -14.65 -2.71
N TYR A 189 16.00 -15.04 -2.03
CA TYR A 189 14.88 -15.66 -2.74
C TYR A 189 14.29 -14.71 -3.76
N VAL A 190 13.94 -13.49 -3.34
CA VAL A 190 13.27 -12.54 -4.23
C VAL A 190 14.19 -12.18 -5.40
N ASN A 191 15.46 -11.88 -5.11
CA ASN A 191 16.36 -11.52 -6.19
C ASN A 191 16.51 -12.67 -7.21
N GLU A 192 16.54 -13.92 -6.74
CA GLU A 192 16.63 -15.04 -7.69
C GLU A 192 15.40 -15.10 -8.59
N GLN A 193 14.20 -14.94 -8.02
CA GLN A 193 12.98 -15.05 -8.83
C GLN A 193 12.85 -13.92 -9.83
N CYS A 194 13.59 -12.82 -9.67
CA CYS A 194 13.52 -11.73 -10.64
C CYS A 194 14.27 -12.02 -11.93
N GLN A 195 15.10 -13.06 -11.97
CA GLN A 195 15.82 -13.42 -13.18
C GLN A 195 14.91 -14.14 -14.17
N ARG A 196 15.06 -13.79 -15.45
CA ARG A 196 14.14 -14.24 -16.49
C ARG A 196 13.86 -15.74 -16.52
N PRO A 197 14.83 -16.64 -16.36
CA PRO A 197 14.50 -18.08 -16.43
C PRO A 197 13.56 -18.57 -15.34
N ASN A 198 13.42 -17.82 -14.24
CA ASN A 198 12.56 -18.26 -13.16
C ASN A 198 11.11 -17.78 -13.28
N LEU A 199 10.74 -17.07 -14.34
CA LEU A 199 9.42 -16.46 -14.43
C LEU A 199 8.62 -17.12 -15.56
N ALA A 200 7.42 -17.59 -15.22
CA ALA A 200 6.62 -18.33 -16.17
C ALA A 200 6.24 -17.45 -17.35
N PRO A 201 6.45 -17.91 -18.58
CA PRO A 201 5.96 -17.17 -19.74
C PRO A 201 4.51 -16.76 -19.55
N GLY A 202 4.21 -15.53 -19.89
CA GLY A 202 2.87 -15.03 -19.83
C GLY A 202 2.51 -14.29 -18.54
N GLY A 203 3.26 -14.51 -17.45
CA GLY A 203 2.99 -13.80 -16.21
C GLY A 203 3.61 -12.40 -16.21
N PHE A 204 3.31 -11.63 -15.16
CA PHE A 204 3.77 -10.24 -15.13
C PHE A 204 5.29 -10.17 -15.24
N GLY A 205 6.00 -11.08 -14.54
CA GLY A 205 7.45 -11.02 -14.52
C GLY A 205 8.04 -11.22 -15.90
N ALA A 206 7.58 -12.25 -16.59
CA ALA A 206 8.08 -12.51 -17.93
C ALA A 206 7.73 -11.37 -18.88
N CYS A 207 6.55 -10.77 -18.69
CA CYS A 207 6.14 -9.65 -19.52
CA CYS A 207 6.17 -9.66 -19.55
C CYS A 207 7.09 -8.46 -19.35
N ILE A 208 7.51 -8.20 -18.11
CA ILE A 208 8.50 -7.15 -17.86
C ILE A 208 9.77 -7.42 -18.67
N HIS A 209 10.27 -8.67 -18.61
CA HIS A 209 11.47 -9.01 -19.37
C HIS A 209 11.24 -8.89 -20.87
N ALA A 210 10.01 -9.18 -21.34
CA ALA A 210 9.75 -9.08 -22.77
C ALA A 210 9.86 -7.64 -23.26
N PHE A 211 9.65 -6.65 -22.38
CA PHE A 211 9.80 -5.26 -22.76
C PHE A 211 11.24 -4.83 -22.96
N THR A 212 12.23 -5.65 -22.59
CA THR A 212 13.61 -5.26 -22.90
C THR A 212 13.86 -5.19 -24.40
N ASP A 213 13.04 -5.87 -25.21
CA ASP A 213 13.20 -5.85 -26.66
C ASP A 213 12.87 -4.50 -27.27
N THR A 214 12.07 -3.67 -26.58
CA THR A 214 11.51 -2.45 -27.16
C THR A 214 12.42 -1.24 -27.02
N GLY A 215 13.47 -1.29 -26.21
CA GLY A 215 14.21 -0.08 -25.94
C GLY A 215 13.69 0.70 -24.75
N GLU A 216 12.60 0.26 -24.12
CA GLU A 216 12.11 1.03 -23.00
C GLU A 216 12.91 0.75 -21.74
N ILE A 217 13.36 -0.49 -21.54
CA ILE A 217 14.26 -0.84 -20.44
C ILE A 217 15.32 -1.80 -20.97
N THR A 218 16.52 -1.75 -20.38
CA THR A 218 17.55 -2.70 -20.79
C THR A 218 17.35 -4.03 -20.05
N PRO A 219 17.97 -5.11 -20.56
CA PRO A 219 17.87 -6.40 -19.84
C PRO A 219 18.27 -6.30 -18.38
N ASP A 220 19.26 -5.49 -18.03
CA ASP A 220 19.70 -5.43 -16.64
C ASP A 220 18.76 -4.59 -15.77
N GLU A 221 17.80 -3.88 -16.36
CA GLU A 221 16.79 -3.20 -15.57
C GLU A 221 15.61 -4.09 -15.23
N ALA A 222 15.35 -5.12 -16.05
CA ALA A 222 14.14 -5.91 -15.85
C ALA A 222 14.09 -6.60 -14.49
N PRO A 223 15.16 -7.21 -13.96
CA PRO A 223 15.03 -7.84 -12.63
C PRO A 223 14.59 -6.88 -11.54
N LEU A 224 15.13 -5.65 -11.52
CA LEU A 224 14.71 -4.70 -10.49
C LEU A 224 13.26 -4.27 -10.66
N LEU A 225 12.72 -4.27 -11.89
CA LEU A 225 11.31 -3.92 -12.02
C LEU A 225 10.40 -5.08 -11.62
N VAL A 226 10.80 -6.34 -11.90
CA VAL A 226 10.11 -7.47 -11.29
C VAL A 226 10.16 -7.33 -9.76
N ARG A 227 11.33 -6.96 -9.22
CA ARG A 227 11.46 -6.80 -7.77
C ARG A 227 10.46 -5.78 -7.23
N SER A 228 10.21 -4.69 -7.99
CA SER A 228 9.21 -3.70 -7.57
C SER A 228 7.84 -4.36 -7.38
N LEU A 229 7.44 -5.23 -8.31
CA LEU A 229 6.12 -5.87 -8.16
C LEU A 229 6.11 -6.84 -7.00
N LEU A 230 7.22 -7.55 -6.79
CA LEU A 230 7.29 -8.46 -5.65
C LEU A 230 7.45 -7.71 -4.33
N SER A 231 7.83 -6.44 -4.37
CA SER A 231 7.90 -5.65 -3.15
C SER A 231 6.55 -5.06 -2.79
N ALA A 232 5.87 -4.45 -3.77
CA ALA A 232 4.68 -3.66 -3.50
C ALA A 232 3.39 -4.40 -3.79
N GLY A 233 3.42 -5.55 -4.44
CA GLY A 233 2.17 -6.01 -5.04
C GLY A 233 1.36 -6.96 -4.22
N LEU A 234 1.91 -7.45 -3.10
CA LEU A 234 1.21 -8.46 -2.28
C LEU A 234 0.78 -7.92 -0.93
N ASP A 235 1.73 -7.44 -0.11
CA ASP A 235 1.41 -7.01 1.25
C ASP A 235 0.44 -5.83 1.27
N THR A 236 0.55 -4.94 0.29
CA THR A 236 -0.42 -3.85 0.15
C THR A 236 -1.84 -4.38 0.02
N THR A 237 -2.03 -5.32 -0.90
CA THR A 237 -3.38 -5.85 -1.13
C THR A 237 -3.87 -6.65 0.07
N VAL A 238 -2.98 -7.35 0.79
CA VAL A 238 -3.38 -8.00 2.05
C VAL A 238 -3.99 -6.97 2.99
N ASN A 239 -3.30 -5.85 3.18
CA ASN A 239 -3.85 -4.86 4.10
C ASN A 239 -5.04 -4.10 3.51
N GLY A 240 -5.11 -3.97 2.19
CA GLY A 240 -6.26 -3.32 1.59
C GLY A 240 -7.52 -4.15 1.77
N ILE A 241 -7.43 -5.45 1.47
CA ILE A 241 -8.59 -6.32 1.63
C ILE A 241 -8.91 -6.49 3.11
N GLY A 242 -7.88 -6.66 3.95
CA GLY A 242 -8.13 -6.69 5.38
C GLY A 242 -8.86 -5.47 5.88
N ALA A 243 -8.45 -4.28 5.41
CA ALA A 243 -9.13 -3.06 5.84
C ALA A 243 -10.59 -3.07 5.43
N ALA A 244 -10.87 -3.51 4.20
CA ALA A 244 -12.27 -3.57 3.74
C ALA A 244 -13.11 -4.48 4.62
N VAL A 245 -12.60 -5.67 4.95
CA VAL A 245 -13.39 -6.61 5.76
C VAL A 245 -13.57 -6.06 7.17
N TYR A 246 -12.53 -5.44 7.72
CA TYR A 246 -12.66 -4.83 9.04
C TYR A 246 -13.70 -3.71 8.99
N CYS A 247 -13.72 -2.94 7.91
CA CYS A 247 -14.71 -1.88 7.78
C CYS A 247 -16.10 -2.49 7.73
N LEU A 248 -16.28 -3.50 6.88
CA LEU A 248 -17.61 -4.10 6.78
C LEU A 248 -18.03 -4.76 8.10
N ALA A 249 -17.07 -5.34 8.83
CA ALA A 249 -17.39 -5.92 10.13
C ALA A 249 -17.86 -4.86 11.13
N ARG A 250 -17.27 -3.66 11.07
CA ARG A 250 -17.57 -2.60 12.02
C ARG A 250 -18.78 -1.77 11.62
N PHE A 251 -19.14 -1.73 10.34
CA PHE A 251 -20.22 -0.91 9.82
C PHE A 251 -21.25 -1.82 9.16
N PRO A 252 -22.06 -2.55 9.95
CA PRO A 252 -23.00 -3.51 9.34
C PRO A 252 -24.01 -2.84 8.42
N GLY A 253 -24.35 -1.57 8.66
CA GLY A 253 -25.23 -0.87 7.73
C GLY A 253 -24.64 -0.77 6.33
N GLU A 254 -23.32 -0.66 6.23
CA GLU A 254 -22.69 -0.55 4.92
C GLU A 254 -22.56 -1.91 4.26
N LEU A 255 -22.36 -2.96 5.04
CA LEU A 255 -22.43 -4.30 4.46
C LEU A 255 -23.82 -4.55 3.89
N GLN A 256 -24.85 -4.08 4.56
CA GLN A 256 -26.20 -4.28 4.04
CA GLN A 256 -26.20 -4.30 4.03
C GLN A 256 -26.43 -3.51 2.75
N ARG A 257 -25.88 -2.29 2.65
CA ARG A 257 -26.03 -1.57 1.38
C ARG A 257 -25.25 -2.25 0.25
N LEU A 258 -24.06 -2.77 0.56
CA LEU A 258 -23.29 -3.50 -0.44
C LEU A 258 -24.00 -4.79 -0.88
N ARG A 259 -24.57 -5.54 0.07
CA ARG A 259 -25.39 -6.69 -0.33
C ARG A 259 -26.49 -6.31 -1.29
N SER A 260 -27.14 -5.17 -1.04
CA SER A 260 -28.28 -4.78 -1.86
C SER A 260 -27.86 -4.33 -3.25
N ASP A 261 -26.61 -3.93 -3.43
CA ASP A 261 -26.13 -3.54 -4.76
C ASP A 261 -24.67 -3.92 -4.86
N PRO A 262 -24.38 -5.15 -5.27
CA PRO A 262 -22.97 -5.58 -5.34
C PRO A 262 -22.15 -4.78 -6.32
N THR A 263 -22.78 -4.00 -7.22
CA THR A 263 -21.96 -3.16 -8.09
C THR A 263 -21.29 -2.02 -7.34
N LEU A 264 -21.61 -1.83 -6.07
CA LEU A 264 -20.86 -0.91 -5.22
C LEU A 264 -19.54 -1.51 -4.73
N ALA A 265 -19.23 -2.76 -5.10
CA ALA A 265 -18.04 -3.42 -4.57
C ALA A 265 -16.77 -2.60 -4.83
N ARG A 266 -16.63 -2.06 -6.02
CA ARG A 266 -15.38 -1.37 -6.34
C ARG A 266 -15.25 -0.09 -5.53
N ASN A 267 -16.33 0.66 -5.37
CA ASN A 267 -16.22 1.87 -4.57
C ASN A 267 -16.18 1.56 -3.08
N ALA A 268 -16.75 0.44 -2.65
CA ALA A 268 -16.62 0.04 -1.26
C ALA A 268 -15.17 -0.25 -0.92
N PHE A 269 -14.42 -0.80 -1.88
CA PHE A 269 -13.01 -1.06 -1.66
C PHE A 269 -12.21 0.24 -1.67
N GLU A 270 -12.50 1.12 -2.63
CA GLU A 270 -11.82 2.41 -2.67
C GLU A 270 -12.03 3.18 -1.38
N GLU A 271 -13.26 3.16 -0.83
CA GLU A 271 -13.52 3.86 0.41
C GLU A 271 -12.76 3.23 1.57
N ALA A 272 -12.60 1.90 1.57
CA ALA A 272 -11.76 1.26 2.59
C ALA A 272 -10.31 1.73 2.45
N VAL A 273 -9.84 1.92 1.23
CA VAL A 273 -8.46 2.40 1.05
C VAL A 273 -8.30 3.83 1.59
N ARG A 274 -9.26 4.72 1.31
CA ARG A 274 -9.26 6.04 1.95
C ARG A 274 -9.35 5.93 3.48
N PHE A 275 -10.31 5.13 3.98
CA PHE A 275 -10.69 5.15 5.39
C PHE A 275 -9.55 4.63 6.26
N GLU A 276 -8.96 3.50 5.87
CA GLU A 276 -7.88 2.93 6.66
C GLU A 276 -6.50 3.37 6.18
N SER A 277 -6.37 3.68 4.91
CA SER A 277 -5.09 4.02 4.29
C SER A 277 -4.01 3.00 4.63
N PRO A 278 -4.06 1.83 4.01
CA PRO A 278 -3.12 0.76 4.34
C PRO A 278 -1.66 1.17 4.18
N VAL A 279 -1.35 2.05 3.22
CA VAL A 279 -0.05 2.72 3.20
C VAL A 279 -0.23 4.05 3.94
N GLN A 280 0.35 4.15 5.13
CA GLN A 280 0.10 5.32 5.98
C GLN A 280 0.96 6.52 5.63
N THR A 281 2.24 6.30 5.28
CA THR A 281 3.22 7.36 5.24
C THR A 281 4.30 7.00 4.23
N PHE A 282 4.96 8.04 3.73
CA PHE A 282 6.30 7.90 3.18
C PHE A 282 6.86 9.30 2.99
N PHE A 283 8.09 9.38 2.51
CA PHE A 283 8.86 10.60 2.58
C PHE A 283 9.14 11.13 1.16
N ARG A 284 9.46 12.42 1.11
CA ARG A 284 10.16 13.05 -0.01
C ARG A 284 11.39 13.76 0.56
N THR A 285 12.31 14.16 -0.31
CA THR A 285 13.49 14.95 0.09
C THR A 285 13.51 16.24 -0.72
N THR A 286 13.68 17.39 -0.06
CA THR A 286 13.73 18.65 -0.80
C THR A 286 15.01 18.77 -1.63
N THR A 287 14.86 19.27 -2.86
CA THR A 287 15.99 19.49 -3.76
C THR A 287 16.50 20.92 -3.74
N ARG A 288 15.81 21.79 -3.01
CA ARG A 288 16.06 23.22 -2.98
C ARG A 288 15.30 23.79 -1.79
N GLU A 289 15.70 24.98 -1.37
CA GLU A 289 14.91 25.70 -0.38
C GLU A 289 13.52 25.97 -0.93
N VAL A 290 12.50 25.75 -0.10
CA VAL A 290 11.12 25.81 -0.58
C VAL A 290 10.23 26.27 0.56
N GLU A 291 9.28 27.15 0.25
CA GLU A 291 8.26 27.55 1.19
C GLU A 291 7.05 26.63 1.04
N LEU A 292 6.56 26.10 2.16
CA LEU A 292 5.36 25.27 2.17
C LEU A 292 4.59 25.59 3.44
N GLY A 293 3.29 25.85 3.29
CA GLY A 293 2.49 26.27 4.44
C GLY A 293 3.11 27.39 5.24
N GLY A 294 3.67 28.39 4.55
CA GLY A 294 4.31 29.50 5.23
C GLY A 294 5.63 29.18 5.90
N ALA A 295 6.07 27.93 5.87
CA ALA A 295 7.33 27.55 6.48
C ALA A 295 8.40 27.43 5.41
N VAL A 296 9.61 27.89 5.71
CA VAL A 296 10.71 27.78 4.77
C VAL A 296 11.51 26.53 5.13
N ILE A 297 11.60 25.59 4.18
CA ILE A 297 12.31 24.33 4.35
C ILE A 297 13.56 24.39 3.51
N GLY A 298 14.71 24.08 4.12
CA GLY A 298 15.95 24.11 3.40
C GLY A 298 16.06 22.93 2.44
N GLU A 299 17.11 22.99 1.63
CA GLU A 299 17.47 21.93 0.70
C GLU A 299 17.90 20.68 1.46
N GLY A 300 17.67 19.52 0.87
CA GLY A 300 18.14 18.28 1.45
C GLY A 300 17.46 17.92 2.76
N GLU A 301 16.19 18.28 2.92
CA GLU A 301 15.43 17.97 4.13
C GLU A 301 14.42 16.88 3.83
N LYS A 302 14.23 15.97 4.78
CA LYS A 302 13.21 14.93 4.63
C LYS A 302 11.86 15.46 5.07
N VAL A 303 10.83 15.12 4.30
CA VAL A 303 9.46 15.57 4.53
C VAL A 303 8.58 14.34 4.61
N LEU A 304 7.94 14.14 5.77
CA LEU A 304 7.09 12.99 6.00
C LEU A 304 5.66 13.34 5.64
N MET A 305 5.07 12.60 4.70
CA MET A 305 3.69 12.84 4.28
C MET A 305 2.75 11.84 4.95
N PHE A 306 1.70 12.35 5.59
CA PHE A 306 0.73 11.52 6.31
C PHE A 306 -0.47 11.26 5.42
N LEU A 307 -0.41 10.18 4.62
CA LEU A 307 -1.49 9.90 3.68
C LEU A 307 -2.80 9.58 4.41
N GLY A 308 -2.74 8.77 5.47
CA GLY A 308 -3.96 8.44 6.19
C GLY A 308 -4.61 9.67 6.81
N SER A 309 -3.79 10.58 7.35
CA SER A 309 -4.30 11.84 7.88
C SER A 309 -4.92 12.70 6.79
N ALA A 310 -4.26 12.81 5.64
CA ALA A 310 -4.84 13.59 4.55
C ALA A 310 -6.19 13.01 4.13
N ASN A 311 -6.33 11.68 4.20
CA ASN A 311 -7.56 11.00 3.83
C ASN A 311 -8.65 11.11 4.88
N ARG A 312 -8.35 11.69 6.05
CA ARG A 312 -9.35 11.95 7.08
C ARG A 312 -9.42 13.42 7.47
N ASP A 313 -8.80 14.29 6.71
CA ASP A 313 -8.76 15.72 7.04
C ASP A 313 -10.14 16.34 6.86
N PRO A 314 -10.81 16.82 7.94
CA PRO A 314 -12.16 17.38 7.75
C PRO A 314 -12.19 18.64 6.91
N ARG A 315 -11.04 19.30 6.68
CA ARG A 315 -11.00 20.43 5.75
C ARG A 315 -11.41 20.02 4.35
N ARG A 316 -11.17 18.75 3.99
CA ARG A 316 -11.45 18.18 2.67
C ARG A 316 -12.65 17.23 2.67
N TRP A 317 -12.85 16.43 3.72
CA TRP A 317 -13.85 15.35 3.71
C TRP A 317 -14.97 15.62 4.69
N SER A 318 -16.21 15.45 4.22
CA SER A 318 -17.35 15.42 5.13
C SER A 318 -17.37 14.10 5.88
N ASP A 319 -17.61 14.16 7.19
CA ASP A 319 -17.68 12.98 8.05
C ASP A 319 -16.50 12.04 7.75
N PRO A 320 -15.27 12.55 7.85
CA PRO A 320 -14.12 11.76 7.41
C PRO A 320 -13.96 10.45 8.15
N ASP A 321 -14.48 10.34 9.37
CA ASP A 321 -14.32 9.15 10.17
C ASP A 321 -15.44 8.13 9.96
N LEU A 322 -16.29 8.34 8.97
CA LEU A 322 -17.32 7.38 8.61
C LEU A 322 -16.92 6.61 7.37
N TYR A 323 -17.18 5.30 7.40
CA TYR A 323 -17.02 4.45 6.22
C TYR A 323 -18.32 4.53 5.40
N ASP A 324 -18.24 5.09 4.19
CA ASP A 324 -19.43 5.35 3.36
C ASP A 324 -19.16 4.85 1.96
N ILE A 325 -19.76 3.72 1.60
CA ILE A 325 -19.39 3.06 0.35
C ILE A 325 -19.91 3.78 -0.88
N THR A 326 -20.80 4.78 -0.72
CA THR A 326 -21.16 5.63 -1.85
C THR A 326 -20.48 6.99 -1.81
N ARG A 327 -19.48 7.19 -0.95
CA ARG A 327 -18.75 8.45 -0.96
C ARG A 327 -18.08 8.70 -2.32
N LYS A 328 -18.00 9.97 -2.71
CA LYS A 328 -17.19 10.30 -3.89
C LYS A 328 -15.73 10.34 -3.42
N THR A 329 -15.01 9.24 -3.66
CA THR A 329 -13.66 9.06 -3.13
C THR A 329 -12.58 9.70 -3.99
N SER A 330 -12.92 10.18 -5.18
CA SER A 330 -11.91 10.72 -6.09
C SER A 330 -11.11 11.81 -5.41
N GLY A 331 -9.80 11.73 -5.53
CA GLY A 331 -8.91 12.67 -4.90
C GLY A 331 -8.28 12.15 -3.62
N HIS A 332 -8.74 11.02 -3.07
CA HIS A 332 -8.03 10.48 -1.91
C HIS A 332 -6.60 10.13 -2.33
N VAL A 333 -5.70 10.09 -1.35
CA VAL A 333 -4.27 9.89 -1.63
C VAL A 333 -3.78 8.53 -1.13
N GLY A 334 -4.69 7.59 -0.92
CA GLY A 334 -4.30 6.27 -0.47
C GLY A 334 -3.47 5.50 -1.47
N PHE A 335 -3.60 5.82 -2.75
CA PHE A 335 -2.77 5.27 -3.81
C PHE A 335 -1.71 6.28 -4.26
N GLY A 336 -1.52 7.35 -3.51
CA GLY A 336 -0.64 8.41 -3.96
C GLY A 336 -1.33 9.37 -4.91
N SER A 337 -0.51 10.17 -5.59
CA SER A 337 -1.02 11.19 -6.51
C SER A 337 0.12 11.72 -7.36
N GLY A 338 -0.15 12.01 -8.64
CA GLY A 338 0.89 12.54 -9.49
C GLY A 338 1.72 11.46 -10.18
N VAL A 339 3.00 11.76 -10.43
CA VAL A 339 3.75 10.90 -11.35
C VAL A 339 4.01 9.51 -10.78
N HIS A 340 3.99 9.36 -9.45
CA HIS A 340 4.24 8.06 -8.82
C HIS A 340 2.96 7.38 -8.37
N MET A 341 1.79 7.89 -8.74
CA MET A 341 0.55 7.29 -8.27
C MET A 341 0.56 5.80 -8.62
N CYS A 342 0.15 4.99 -7.66
CA CYS A 342 0.30 3.53 -7.69
C CYS A 342 0.10 2.96 -9.09
N VAL A 343 1.18 2.45 -9.67
CA VAL A 343 1.05 1.86 -11.00
C VAL A 343 0.35 0.51 -10.95
N GLY A 344 0.23 -0.10 -9.76
CA GLY A 344 -0.49 -1.33 -9.60
C GLY A 344 -1.95 -1.16 -9.20
N GLN A 345 -2.50 0.04 -9.29
CA GLN A 345 -3.83 0.29 -8.75
C GLN A 345 -4.92 -0.56 -9.44
N LEU A 346 -4.73 -0.93 -10.71
CA LEU A 346 -5.78 -1.74 -11.31
C LEU A 346 -5.76 -3.16 -10.78
N VAL A 347 -4.58 -3.69 -10.47
CA VAL A 347 -4.50 -5.01 -9.85
C VAL A 347 -5.10 -4.97 -8.44
N ALA A 348 -4.73 -3.94 -7.66
CA ALA A 348 -5.29 -3.79 -6.30
C ALA A 348 -6.81 -3.72 -6.34
N ARG A 349 -7.35 -2.86 -7.22
CA ARG A 349 -8.79 -2.66 -7.28
C ARG A 349 -9.49 -3.89 -7.81
N LEU A 350 -8.86 -4.60 -8.76
CA LEU A 350 -9.47 -5.84 -9.22
C LEU A 350 -9.65 -6.84 -8.08
N GLU A 351 -8.57 -7.11 -7.33
CA GLU A 351 -8.65 -8.03 -6.20
C GLU A 351 -9.68 -7.58 -5.19
N GLY A 352 -9.65 -6.29 -4.82
CA GLY A 352 -10.60 -5.81 -3.82
C GLY A 352 -12.02 -5.88 -4.32
N GLU A 353 -12.24 -5.47 -5.57
CA GLU A 353 -13.60 -5.54 -6.13
C GLU A 353 -14.15 -6.96 -6.10
N VAL A 354 -13.38 -7.93 -6.61
CA VAL A 354 -13.95 -9.26 -6.77
C VAL A 354 -14.13 -9.94 -5.42
N MET A 355 -13.29 -9.64 -4.43
CA MET A 355 -13.54 -10.18 -3.09
C MET A 355 -14.77 -9.54 -2.46
N LEU A 356 -14.91 -8.21 -2.57
CA LEU A 356 -16.08 -7.58 -1.99
C LEU A 356 -17.35 -7.96 -2.73
N SER A 357 -17.24 -8.23 -4.04
CA SER A 357 -18.40 -8.74 -4.77
C SER A 357 -18.81 -10.12 -4.27
N ALA A 358 -17.83 -11.00 -4.03
CA ALA A 358 -18.15 -12.32 -3.49
C ALA A 358 -18.80 -12.22 -2.11
N LEU A 359 -18.28 -11.34 -1.23
CA LEU A 359 -18.92 -11.13 0.07
C LEU A 359 -20.32 -10.57 -0.11
N ALA A 360 -20.50 -9.63 -1.03
CA ALA A 360 -21.80 -8.97 -1.17
C ALA A 360 -22.87 -9.97 -1.59
N ARG A 361 -22.51 -10.92 -2.44
CA ARG A 361 -23.47 -11.89 -2.95
C ARG A 361 -23.70 -13.09 -2.04
N LYS A 362 -22.75 -13.41 -1.16
CA LYS A 362 -22.78 -14.67 -0.45
C LYS A 362 -22.94 -14.56 1.06
N VAL A 363 -22.62 -13.43 1.65
CA VAL A 363 -22.55 -13.30 3.11
C VAL A 363 -23.65 -12.38 3.56
N ALA A 364 -24.34 -12.75 4.65
CA ALA A 364 -25.39 -11.92 5.24
C ALA A 364 -24.90 -11.11 6.42
N ALA A 365 -23.88 -11.59 7.13
CA ALA A 365 -23.38 -10.84 8.27
C ALA A 365 -21.93 -11.21 8.52
N ILE A 366 -21.20 -10.26 9.08
CA ILE A 366 -19.79 -10.43 9.46
C ILE A 366 -19.67 -9.92 10.89
N ASP A 367 -19.40 -10.82 11.84
CA ASP A 367 -19.38 -10.50 13.26
C ASP A 367 -18.00 -10.81 13.83
N ILE A 368 -17.33 -9.79 14.36
CA ILE A 368 -16.08 -10.06 15.06
C ILE A 368 -16.38 -11.00 16.22
N ASP A 369 -15.61 -12.07 16.33
CA ASP A 369 -15.98 -13.04 17.37
C ASP A 369 -14.74 -13.65 18.02
N GLY A 370 -13.68 -12.88 18.15
CA GLY A 370 -12.48 -13.33 18.83
C GLY A 370 -11.58 -12.13 19.04
N PRO A 371 -10.49 -12.32 19.77
CA PRO A 371 -9.55 -11.21 20.02
C PRO A 371 -8.98 -10.63 18.73
N VAL A 372 -9.08 -9.31 18.56
CA VAL A 372 -8.48 -8.68 17.39
C VAL A 372 -7.07 -8.22 17.74
N LYS A 373 -6.12 -8.45 16.83
CA LYS A 373 -4.74 -8.07 17.07
C LYS A 373 -4.20 -7.24 15.92
N ARG A 374 -3.52 -6.15 16.26
CA ARG A 374 -2.95 -5.28 15.25
C ARG A 374 -1.57 -5.80 14.83
N ARG A 375 -1.23 -5.57 13.57
CA ARG A 375 0.08 -5.92 13.03
C ARG A 375 0.85 -4.62 12.89
N PHE A 376 2.03 -4.53 13.48
CA PHE A 376 2.78 -3.29 13.49
C PHE A 376 3.81 -3.26 12.37
N ASN A 377 3.89 -2.13 11.68
CA ASN A 377 4.81 -1.95 10.58
C ASN A 377 5.05 -0.45 10.46
N ASN A 378 6.27 -0.06 10.12
CA ASN A 378 6.57 1.38 10.07
C ASN A 378 5.77 2.12 9.00
N THR A 379 5.31 1.42 7.97
CA THR A 379 4.62 2.03 6.83
C THR A 379 3.20 1.52 6.65
N LEU A 380 2.97 0.23 6.84
CA LEU A 380 1.67 -0.37 6.56
C LEU A 380 0.82 -0.36 7.82
N ARG A 381 -0.47 -0.12 7.64
CA ARG A 381 -1.45 -0.22 8.72
C ARG A 381 -2.38 -1.41 8.45
N GLY A 382 -2.47 -2.33 9.40
CA GLY A 382 -3.41 -3.43 9.23
C GLY A 382 -3.40 -4.33 10.43
N LEU A 383 -4.16 -5.43 10.33
CA LEU A 383 -4.34 -6.34 11.46
C LEU A 383 -3.51 -7.62 11.29
N GLU A 384 -3.13 -8.18 12.46
CA GLU A 384 -2.48 -9.49 12.53
C GLU A 384 -3.52 -10.60 12.56
N SER A 385 -4.65 -10.37 13.23
CA SER A 385 -5.66 -11.41 13.40
C SER A 385 -7.02 -10.72 13.55
N LEU A 386 -8.01 -11.22 12.85
CA LEU A 386 -9.35 -10.63 12.84
C LEU A 386 -10.35 -11.77 12.82
N PRO A 387 -10.62 -12.38 13.98
CA PRO A 387 -11.55 -13.52 14.00
C PRO A 387 -12.97 -13.03 13.77
N VAL A 388 -13.63 -13.63 12.79
CA VAL A 388 -14.99 -13.26 12.45
C VAL A 388 -15.81 -14.52 12.25
N LYS A 389 -17.10 -14.40 12.52
CA LYS A 389 -18.07 -15.40 12.11
C LYS A 389 -18.79 -14.88 10.86
N LEU A 390 -18.81 -15.70 9.80
CA LEU A 390 -19.50 -15.36 8.55
C LEU A 390 -20.83 -16.10 8.52
N THR A 391 -21.93 -15.35 8.42
CA THR A 391 -23.22 -16.01 8.22
C THR A 391 -23.62 -15.98 6.75
N PRO A 392 -24.01 -17.12 6.18
CA PRO A 392 -24.33 -17.15 4.74
C PRO A 392 -25.60 -16.38 4.44
N ALA A 393 -25.64 -15.80 3.24
CA ALA A 393 -26.86 -15.17 2.72
C ALA A 393 -27.93 -16.23 2.49
#